data_5TDY
#
_entry.id   5TDY
#
_cell.length_a   49.180
_cell.length_b   59.327
_cell.length_c   51.722
_cell.angle_alpha   90.00
_cell.angle_beta   115.59
_cell.angle_gamma   90.00
#
_symmetry.space_group_name_H-M   'P 1 21 1'
#
loop_
_entity.id
_entity.type
_entity.pdbx_description
1 polymer 'Flagellar M-ring protein'
2 polymer 'Flagellar motor switch protein FliG'
3 water water
#
loop_
_entity_poly.entity_id
_entity_poly.type
_entity_poly.pdbx_seq_one_letter_code
_entity_poly.pdbx_strand_id
1 'polypeptide(L)' (MSE)PEEKELLELLEELENIFSRSPSDIAEIVRLWFFERGLENLYF A,C
2 'polypeptide(L)'
;(MSE)PEKKIDGRRKAAVLLVALGPEKAAQV(MSE)KHLDEETVEQLVVEIANIGRVTPEEKKQVLEEFLSLAKAKE
(MSE)ISEGGIEYAKKVLEKAFGPERARKIIER
;
B,D
#
# COMPACT_ATOMS: atom_id res chain seq x y z
N MSE A 1 3.58 -1.82 14.86
CA MSE A 1 3.31 -0.39 14.68
C MSE A 1 4.39 0.51 15.32
O MSE A 1 4.68 1.58 14.79
CB MSE A 1 1.93 -0.03 15.22
CG MSE A 1 1.30 1.17 14.52
SE MSE A 1 1.71 2.88 15.38
CE MSE A 1 0.21 2.98 16.65
N PRO A 2 4.97 0.11 16.45
CA PRO A 2 6.31 0.66 16.76
C PRO A 2 7.33 0.22 15.75
N GLU A 3 7.32 -1.07 15.39
CA GLU A 3 8.14 -1.55 14.28
C GLU A 3 7.77 -0.86 12.98
N GLU A 4 6.47 -0.60 12.76
CA GLU A 4 6.08 0.16 11.59
C GLU A 4 6.63 1.58 11.66
N LYS A 5 6.65 2.18 12.85
CA LYS A 5 7.14 3.55 12.99
C LYS A 5 8.60 3.66 12.55
N GLU A 6 9.43 2.70 12.93
CA GLU A 6 10.83 2.77 12.52
C GLU A 6 11.01 2.44 11.04
N LEU A 7 10.07 1.70 10.44
CA LEU A 7 10.11 1.51 9.00
C LEU A 7 9.90 2.82 8.26
N LEU A 8 8.89 3.61 8.66
CA LEU A 8 8.68 4.91 8.02
C LEU A 8 9.89 5.81 8.20
N GLU A 9 10.59 5.68 9.34
CA GLU A 9 11.79 6.47 9.54
C GLU A 9 12.86 6.10 8.52
N LEU A 10 13.07 4.79 8.33
CA LEU A 10 14.02 4.35 7.31
C LEU A 10 13.58 4.78 5.92
N LEU A 11 12.29 4.66 5.62
CA LEU A 11 11.79 5.10 4.31
C LEU A 11 11.97 6.60 4.11
N GLU A 12 11.83 7.40 5.18
CA GLU A 12 12.02 8.83 5.03
C GLU A 12 13.46 9.15 4.67
N GLU A 13 14.43 8.52 5.35
CA GLU A 13 15.83 8.67 4.97
C GLU A 13 16.07 8.25 3.52
N LEU A 14 15.48 7.12 3.11
CA LEU A 14 15.61 6.69 1.72
C LEU A 14 15.08 7.76 0.77
N GLU A 15 13.88 8.28 1.07
CA GLU A 15 13.30 9.34 0.26
C GLU A 15 14.23 10.54 0.17
N ASN A 16 14.79 10.95 1.29
CA ASN A 16 15.69 12.06 1.34
C ASN A 16 16.92 11.84 0.43
N ILE A 17 17.47 10.65 0.46
CA ILE A 17 18.58 10.31 -0.39
C ILE A 17 18.21 10.40 -1.87
N PHE A 18 17.01 9.95 -2.21
CA PHE A 18 16.54 9.99 -3.56
C PHE A 18 16.44 11.41 -4.06
N SER A 19 15.88 12.29 -3.26
CA SER A 19 15.74 13.66 -3.73
C SER A 19 17.08 14.37 -3.85
N ARG A 20 18.12 13.89 -3.16
CA ARG A 20 19.43 14.49 -3.31
C ARG A 20 20.19 13.93 -4.52
N SER A 21 20.16 12.61 -4.72
CA SER A 21 20.87 12.01 -5.83
C SER A 21 20.38 10.58 -6.10
N PRO A 22 19.55 10.38 -7.12
CA PRO A 22 19.24 9.00 -7.55
C PRO A 22 20.47 8.23 -8.00
N SER A 23 21.53 8.90 -8.46
CA SER A 23 22.69 8.14 -8.93
C SER A 23 23.45 7.48 -7.78
N ASP A 24 23.38 8.06 -6.57
CA ASP A 24 23.97 7.38 -5.42
C ASP A 24 23.25 6.08 -5.08
N ILE A 25 21.93 6.05 -5.28
CA ILE A 25 21.18 4.81 -5.11
C ILE A 25 21.59 3.79 -6.17
N ALA A 26 21.65 4.22 -7.44
CA ALA A 26 22.07 3.33 -8.51
C ALA A 26 23.42 2.69 -8.24
N GLU A 27 24.35 3.46 -7.68
CA GLU A 27 25.68 2.93 -7.39
C GLU A 27 25.62 1.76 -6.41
N ILE A 28 24.79 1.88 -5.36
CA ILE A 28 24.63 0.80 -4.39
C ILE A 28 23.87 -0.38 -5.00
N VAL A 29 22.87 -0.11 -5.84
CA VAL A 29 22.23 -1.19 -6.60
C VAL A 29 23.26 -1.98 -7.40
N ARG A 30 24.16 -1.26 -8.10
CA ARG A 30 25.22 -1.92 -8.87
C ARG A 30 26.08 -2.80 -7.97
N LEU A 31 26.67 -2.19 -6.93
CA LEU A 31 27.47 -2.92 -5.96
C LEU A 31 26.80 -4.22 -5.53
N TRP A 32 25.53 -4.14 -5.12
CA TRP A 32 24.82 -5.30 -4.62
C TRP A 32 24.60 -6.36 -5.70
N PHE A 33 24.13 -5.95 -6.88
CA PHE A 33 23.64 -6.93 -7.84
C PHE A 33 24.77 -7.77 -8.43
N PHE A 34 25.94 -7.17 -8.64
CA PHE A 34 27.10 -7.88 -9.16
C PHE A 34 27.97 -8.33 -7.98
N GLU A 35 27.51 -9.41 -7.33
CA GLU A 35 28.07 -9.94 -6.08
C GLU A 35 27.82 -8.97 -4.92
N LYS B 4 17.65 -14.40 6.67
CA LYS B 4 18.53 -13.53 7.45
C LYS B 4 19.72 -13.13 6.55
N LYS B 5 20.36 -14.09 5.88
CA LYS B 5 21.44 -13.80 4.93
C LYS B 5 20.83 -13.65 3.53
N ILE B 6 20.93 -12.47 2.95
CA ILE B 6 20.25 -12.11 1.72
C ILE B 6 21.28 -11.98 0.59
N ASP B 7 21.00 -12.64 -0.53
CA ASP B 7 21.85 -12.52 -1.72
C ASP B 7 21.81 -11.09 -2.26
N GLY B 8 22.94 -10.64 -2.82
CA GLY B 8 23.04 -9.25 -3.24
C GLY B 8 22.07 -8.87 -4.35
N ARG B 9 21.67 -9.85 -5.17
CA ARG B 9 20.68 -9.58 -6.21
C ARG B 9 19.31 -9.29 -5.59
N ARG B 10 18.93 -10.08 -4.59
CA ARG B 10 17.66 -9.86 -3.91
C ARG B 10 17.67 -8.53 -3.14
N LYS B 11 18.81 -8.18 -2.52
CA LYS B 11 18.89 -6.88 -1.84
C LYS B 11 18.55 -5.74 -2.80
N ALA B 12 19.15 -5.74 -3.99
CA ALA B 12 18.85 -4.68 -4.95
C ALA B 12 17.37 -4.70 -5.34
N ALA B 13 16.78 -5.89 -5.48
CA ALA B 13 15.37 -5.95 -5.85
C ALA B 13 14.48 -5.44 -4.73
N VAL B 14 14.80 -5.77 -3.47
CA VAL B 14 14.02 -5.28 -2.34
C VAL B 14 14.09 -3.76 -2.28
N LEU B 15 15.27 -3.18 -2.53
CA LEU B 15 15.38 -1.73 -2.45
C LEU B 15 14.52 -1.06 -3.51
N LEU B 16 14.56 -1.57 -4.75
CA LEU B 16 13.79 -0.93 -5.80
C LEU B 16 12.29 -1.12 -5.59
N VAL B 17 11.86 -2.26 -5.06
CA VAL B 17 10.44 -2.41 -4.74
C VAL B 17 10.04 -1.41 -3.67
N ALA B 18 10.89 -1.23 -2.65
CA ALA B 18 10.61 -0.29 -1.57
C ALA B 18 10.53 1.15 -2.06
N LEU B 19 11.26 1.48 -3.13
CA LEU B 19 11.18 2.82 -3.67
C LEU B 19 9.86 3.09 -4.36
N GLY B 20 9.16 2.05 -4.81
CA GLY B 20 7.95 2.25 -5.60
C GLY B 20 8.31 2.52 -7.05
N PRO B 21 7.35 2.35 -7.95
CA PRO B 21 7.68 2.33 -9.38
C PRO B 21 8.21 3.65 -9.95
N GLU B 22 7.66 4.81 -9.55
CA GLU B 22 8.12 6.06 -10.15
C GLU B 22 9.55 6.38 -9.76
N LYS B 23 9.93 6.13 -8.51
CA LYS B 23 11.31 6.42 -8.09
C LYS B 23 12.27 5.33 -8.56
N ALA B 24 11.83 4.06 -8.55
CA ALA B 24 12.67 2.99 -9.05
C ALA B 24 13.03 3.22 -10.51
N ALA B 25 12.05 3.64 -11.34
CA ALA B 25 12.31 3.86 -12.75
C ALA B 25 13.34 4.95 -12.96
N GLN B 26 13.29 6.01 -12.13
CA GLN B 26 14.29 7.07 -12.22
C GLN B 26 15.68 6.57 -11.84
N VAL B 27 15.78 5.76 -10.77
CA VAL B 27 17.07 5.17 -10.42
C VAL B 27 17.60 4.32 -11.57
N MSE B 28 16.75 3.54 -12.21
CA MSE B 28 17.22 2.62 -13.24
C MSE B 28 17.75 3.26 -14.52
O MSE B 28 18.51 2.63 -15.29
CB MSE B 28 16.12 1.64 -13.58
CG MSE B 28 16.25 0.39 -12.71
SE MSE B 28 14.60 -0.53 -12.62
CE MSE B 28 15.25 -2.35 -12.83
N LYS B 29 17.35 4.51 -14.77
CA LYS B 29 17.93 5.26 -15.89
C LYS B 29 19.42 5.56 -15.69
N HIS B 30 19.95 5.34 -14.49
CA HIS B 30 21.38 5.48 -14.26
C HIS B 30 22.14 4.19 -14.51
N LEU B 31 21.45 3.15 -14.97
CA LEU B 31 22.02 1.83 -15.23
C LEU B 31 21.89 1.51 -16.71
N ASP B 32 22.80 0.70 -17.22
CA ASP B 32 22.73 0.37 -18.64
C ASP B 32 21.61 -0.62 -18.91
N GLU B 33 21.34 -0.80 -20.21
CA GLU B 33 20.20 -1.59 -20.66
C GLU B 33 20.26 -3.03 -20.16
N GLU B 34 21.45 -3.66 -20.23
CA GLU B 34 21.55 -5.07 -19.84
C GLU B 34 21.40 -5.25 -18.34
N THR B 35 21.94 -4.34 -17.54
CA THR B 35 21.73 -4.39 -16.10
C THR B 35 20.24 -4.30 -15.76
N VAL B 36 19.56 -3.35 -16.41
CA VAL B 36 18.14 -3.13 -16.14
C VAL B 36 17.33 -4.39 -16.44
N GLU B 37 17.71 -5.12 -17.50
CA GLU B 37 16.94 -6.31 -17.87
C GLU B 37 17.10 -7.40 -16.83
N GLN B 38 18.30 -7.56 -16.28
CA GLN B 38 18.49 -8.56 -15.25
C GLN B 38 17.79 -8.14 -13.96
N LEU B 39 17.77 -6.86 -13.66
CA LEU B 39 17.11 -6.39 -12.44
C LEU B 39 15.61 -6.57 -12.52
N VAL B 40 15.01 -6.27 -13.69
CA VAL B 40 13.56 -6.44 -13.80
C VAL B 40 13.18 -7.91 -13.67
N VAL B 41 14.06 -8.82 -14.08
CA VAL B 41 13.81 -10.24 -13.88
C VAL B 41 13.89 -10.60 -12.41
N GLU B 42 14.87 -10.05 -11.69
CA GLU B 42 14.93 -10.29 -10.25
C GLU B 42 13.73 -9.69 -9.53
N ILE B 43 13.34 -8.47 -9.92
CA ILE B 43 12.15 -7.87 -9.32
C ILE B 43 10.91 -8.71 -9.60
N ALA B 44 10.80 -9.24 -10.83
CA ALA B 44 9.57 -9.92 -11.23
C ALA B 44 9.34 -11.19 -10.43
N ASN B 45 10.42 -11.84 -10.02
CA ASN B 45 10.38 -13.08 -9.27
C ASN B 45 10.69 -12.88 -7.78
N ILE B 46 10.48 -11.67 -7.25
CA ILE B 46 10.90 -11.39 -5.88
C ILE B 46 9.96 -12.06 -4.88
N GLY B 47 8.70 -12.27 -5.24
CA GLY B 47 7.78 -12.88 -4.31
C GLY B 47 7.38 -11.95 -3.17
N ARG B 48 7.12 -12.55 -2.03
CA ARG B 48 6.85 -11.82 -0.80
C ARG B 48 8.14 -11.27 -0.20
N VAL B 49 8.08 -10.04 0.31
CA VAL B 49 9.18 -9.43 1.04
C VAL B 49 8.78 -9.39 2.51
N THR B 50 9.58 -10.00 3.38
CA THR B 50 9.24 -9.97 4.79
C THR B 50 9.57 -8.61 5.37
N PRO B 51 8.91 -8.21 6.47
CA PRO B 51 9.26 -6.93 7.10
C PRO B 51 10.71 -6.88 7.55
N GLU B 52 11.28 -8.01 7.94
CA GLU B 52 12.66 -8.05 8.41
C GLU B 52 13.65 -7.92 7.26
N GLU B 53 13.38 -8.60 6.14
CA GLU B 53 14.17 -8.39 4.92
C GLU B 53 14.19 -6.90 4.57
N LYS B 54 13.01 -6.28 4.51
CA LYS B 54 12.90 -4.89 4.11
C LYS B 54 13.72 -3.98 5.02
N LYS B 55 13.57 -4.17 6.33
CA LYS B 55 14.30 -3.36 7.31
C LYS B 55 15.81 -3.60 7.22
N GLN B 56 16.22 -4.86 7.05
CA GLN B 56 17.64 -5.16 6.89
C GLN B 56 18.23 -4.49 5.65
N VAL B 57 17.54 -4.60 4.52
CA VAL B 57 18.05 -3.99 3.29
C VAL B 57 18.15 -2.49 3.46
N LEU B 58 17.13 -1.88 4.04
CA LEU B 58 17.13 -0.42 4.19
C LEU B 58 18.26 0.03 5.11
N GLU B 59 18.51 -0.71 6.20
CA GLU B 59 19.59 -0.34 7.12
C GLU B 59 20.96 -0.40 6.46
N GLU B 60 21.24 -1.48 5.73
CA GLU B 60 22.51 -1.59 5.02
C GLU B 60 22.62 -0.51 3.94
N PHE B 61 21.54 -0.28 3.20
CA PHE B 61 21.58 0.75 2.17
C PHE B 61 21.98 2.11 2.73
N LEU B 62 21.38 2.51 3.87
CA LEU B 62 21.65 3.83 4.43
C LEU B 62 23.10 3.96 4.88
N SER B 63 23.62 2.94 5.57
CA SER B 63 25.03 2.90 5.96
C SER B 63 25.94 3.06 4.73
N LEU B 64 25.66 2.33 3.65
CA LEU B 64 26.49 2.44 2.45
C LEU B 64 26.38 3.84 1.82
N ALA B 65 25.18 4.41 1.76
CA ALA B 65 25.01 5.72 1.13
C ALA B 65 25.71 6.82 1.91
N LYS B 66 25.80 6.69 3.23
CA LYS B 66 26.48 7.71 4.02
C LYS B 66 27.99 7.52 4.06
N ALA B 67 28.52 6.41 3.53
CA ALA B 67 29.96 6.16 3.62
C ALA B 67 30.76 7.30 3.01
N LYS B 68 30.29 7.85 1.88
CA LYS B 68 31.02 8.92 1.22
C LYS B 68 30.91 10.26 1.95
N GLU B 69 30.06 10.39 2.95
CA GLU B 69 29.76 11.69 3.53
C GLU B 69 30.74 12.03 4.63
N MSE B 70 31.29 13.24 4.59
CA MSE B 70 32.07 13.71 5.71
C MSE B 70 31.15 13.91 6.92
O MSE B 70 30.06 14.47 6.81
CB MSE B 70 32.79 15.01 5.38
CG MSE B 70 33.68 15.51 6.52
SE MSE B 70 34.17 17.37 6.21
CE MSE B 70 32.46 18.22 6.65
N ILE B 71 31.59 13.43 8.06
CA ILE B 71 30.86 13.58 9.30
C ILE B 71 31.41 14.77 10.08
N SER B 72 30.52 15.59 10.62
CA SER B 72 30.91 16.69 11.51
C SER B 72 29.95 16.67 12.69
N GLU B 73 30.42 16.17 13.83
CA GLU B 73 29.61 16.04 15.05
C GLU B 73 28.28 15.31 14.74
N GLY B 74 27.23 15.63 15.49
CA GLY B 74 26.04 14.79 15.48
C GLY B 74 26.20 13.52 16.27
N GLY B 75 27.28 13.37 17.04
CA GLY B 75 27.52 12.11 17.71
C GLY B 75 26.53 11.82 18.81
N ILE B 76 25.99 12.85 19.46
CA ILE B 76 25.08 12.59 20.58
C ILE B 76 23.82 11.89 20.09
N GLU B 77 23.16 12.45 19.08
CA GLU B 77 21.99 11.80 18.50
C GLU B 77 22.34 10.40 18.00
N TYR B 78 23.53 10.24 17.43
CA TYR B 78 23.93 8.92 16.98
C TYR B 78 24.03 7.96 18.16
N ALA B 79 24.72 8.37 19.22
CA ALA B 79 24.85 7.50 20.39
C ALA B 79 23.49 7.20 21.01
N LYS B 80 22.57 8.16 20.98
CA LYS B 80 21.24 7.91 21.55
C LYS B 80 20.55 6.78 20.81
N LYS B 81 20.60 6.79 19.48
CA LYS B 81 19.92 5.75 18.71
C LYS B 81 20.55 4.39 18.91
N VAL B 82 21.89 4.34 18.95
CA VAL B 82 22.59 3.08 19.22
C VAL B 82 22.18 2.52 20.57
N LEU B 83 22.24 3.36 21.63
CA LEU B 83 21.94 2.88 22.97
C LEU B 83 20.51 2.36 23.08
N GLU B 84 19.54 3.10 22.53
CA GLU B 84 18.15 2.68 22.69
C GLU B 84 17.82 1.45 21.84
N LYS B 85 18.45 1.31 20.67
CA LYS B 85 18.26 0.07 19.91
C LYS B 85 18.93 -1.12 20.60
N ALA B 86 20.08 -0.89 21.24
CA ALA B 86 20.80 -2.00 21.83
C ALA B 86 20.16 -2.46 23.15
N PHE B 87 19.74 -1.52 23.98
CA PHE B 87 19.42 -1.82 25.37
C PHE B 87 18.07 -1.30 25.82
N GLY B 88 17.39 -0.49 25.01
CA GLY B 88 16.21 0.19 25.46
C GLY B 88 16.60 1.42 26.26
N PRO B 89 15.74 2.44 26.28
CA PRO B 89 16.12 3.71 26.93
C PRO B 89 16.25 3.64 28.45
N GLU B 90 15.49 2.80 29.13
CA GLU B 90 15.60 2.76 30.59
C GLU B 90 16.93 2.15 31.03
N ARG B 91 17.36 1.04 30.43
CA ARG B 91 18.69 0.50 30.73
C ARG B 91 19.80 1.46 30.26
N ALA B 92 19.62 2.07 29.08
CA ALA B 92 20.63 3.01 28.56
C ALA B 92 20.94 4.12 29.55
N ARG B 93 19.91 4.68 30.20
CA ARG B 93 20.11 5.72 31.21
C ARG B 93 21.07 5.26 32.31
N LYS B 94 20.99 3.99 32.70
CA LYS B 94 21.82 3.52 33.80
C LYS B 94 23.23 3.20 33.34
N ILE B 95 23.39 2.73 32.10
CA ILE B 95 24.72 2.48 31.57
C ILE B 95 25.57 3.75 31.59
N ILE B 96 25.00 4.88 31.20
CA ILE B 96 25.79 6.10 31.12
C ILE B 96 25.86 6.83 32.45
N GLU B 97 25.13 6.34 33.44
CA GLU B 97 25.31 6.54 34.89
C GLU B 97 24.37 7.58 35.45
N ARG B 98 23.16 7.12 35.78
CA ARG B 98 22.11 7.87 36.49
C ARG B 98 22.22 9.39 36.48
N PRO C 2 -8.43 2.64 23.09
CA PRO C 2 -9.06 3.32 21.96
C PRO C 2 -8.93 2.52 20.67
N GLU C 3 -7.71 2.07 20.35
CA GLU C 3 -7.48 1.33 19.13
C GLU C 3 -7.94 -0.13 19.21
N GLU C 4 -8.44 -0.58 20.36
CA GLU C 4 -9.01 -1.92 20.42
C GLU C 4 -10.31 -1.98 19.61
N LYS C 5 -11.25 -1.08 19.93
CA LYS C 5 -12.49 -0.99 19.17
C LYS C 5 -12.25 -0.48 17.76
N GLU C 6 -11.23 0.36 17.57
CA GLU C 6 -10.96 0.95 16.26
C GLU C 6 -10.55 -0.11 15.25
N LEU C 7 -9.56 -0.94 15.61
CA LEU C 7 -9.14 -1.98 14.69
C LEU C 7 -10.18 -3.08 14.57
N LEU C 8 -11.05 -3.23 15.57
CA LEU C 8 -12.10 -4.24 15.53
C LEU C 8 -13.23 -3.87 14.58
N GLU C 9 -13.64 -2.60 14.52
CA GLU C 9 -14.66 -2.25 13.54
C GLU C 9 -14.08 -2.26 12.12
N LEU C 10 -12.78 -2.03 11.97
CA LEU C 10 -12.16 -2.30 10.68
C LEU C 10 -12.37 -3.76 10.27
N LEU C 11 -12.17 -4.69 11.20
CA LEU C 11 -12.34 -6.11 10.86
C LEU C 11 -13.78 -6.42 10.48
N GLU C 12 -14.75 -5.90 11.23
CA GLU C 12 -16.16 -6.14 10.93
C GLU C 12 -16.54 -5.54 9.59
N GLU C 13 -16.02 -4.35 9.26
CA GLU C 13 -16.28 -3.74 7.95
C GLU C 13 -15.75 -4.62 6.82
N LEU C 14 -14.52 -5.13 6.96
CA LEU C 14 -13.95 -5.98 5.91
C LEU C 14 -14.71 -7.29 5.78
N GLU C 15 -15.01 -7.94 6.90
CA GLU C 15 -15.78 -9.16 6.89
C GLU C 15 -17.11 -8.97 6.16
N ASN C 16 -17.78 -7.84 6.42
CA ASN C 16 -19.04 -7.55 5.76
C ASN C 16 -18.84 -7.38 4.25
N ILE C 17 -17.81 -6.65 3.84
CA ILE C 17 -17.59 -6.45 2.41
C ILE C 17 -17.18 -7.76 1.74
N PHE C 18 -16.41 -8.59 2.45
CA PHE C 18 -15.92 -9.83 1.84
C PHE C 18 -17.07 -10.77 1.48
N SER C 19 -18.19 -10.67 2.19
CA SER C 19 -19.34 -11.56 1.96
C SER C 19 -20.26 -11.08 0.83
N ARG C 20 -19.98 -9.92 0.23
CA ARG C 20 -20.81 -9.41 -0.85
C ARG C 20 -20.37 -10.02 -2.18
N SER C 21 -21.27 -10.02 -3.14
CA SER C 21 -20.94 -10.65 -4.42
C SER C 21 -19.93 -9.78 -5.18
N PRO C 22 -19.05 -10.41 -5.97
CA PRO C 22 -18.13 -9.62 -6.80
C PRO C 22 -18.82 -8.62 -7.70
N SER C 23 -19.96 -8.99 -8.28
CA SER C 23 -20.70 -8.09 -9.16
C SER C 23 -21.18 -6.85 -8.41
N ASP C 24 -21.68 -7.00 -7.19
CA ASP C 24 -22.07 -5.82 -6.42
C ASP C 24 -20.87 -4.97 -6.00
N ILE C 25 -19.73 -5.59 -5.68
CA ILE C 25 -18.55 -4.81 -5.35
C ILE C 25 -18.08 -4.05 -6.58
N ALA C 26 -18.07 -4.71 -7.74
CA ALA C 26 -17.62 -4.08 -8.98
C ALA C 26 -18.46 -2.86 -9.34
N GLU C 27 -19.75 -2.89 -9.03
CA GLU C 27 -20.64 -1.76 -9.30
C GLU C 27 -20.16 -0.48 -8.61
N ILE C 28 -19.69 -0.58 -7.37
CA ILE C 28 -19.18 0.61 -6.70
C ILE C 28 -17.77 0.96 -7.19
N VAL C 29 -16.94 -0.05 -7.45
CA VAL C 29 -15.66 0.21 -8.08
C VAL C 29 -15.84 1.05 -9.35
N ARG C 30 -16.83 0.71 -10.18
CA ARG C 30 -17.07 1.48 -11.41
C ARG C 30 -17.59 2.87 -11.10
N LEU C 31 -18.42 3.01 -10.06
CA LEU C 31 -18.91 4.33 -9.66
C LEU C 31 -17.74 5.23 -9.26
N TRP C 32 -16.85 4.71 -8.41
CA TRP C 32 -15.63 5.40 -8.06
C TRP C 32 -14.77 5.70 -9.29
N PHE C 33 -14.44 4.65 -10.04
CA PHE C 33 -13.46 4.81 -11.12
C PHE C 33 -13.88 5.91 -12.08
N PHE C 34 -15.11 5.88 -12.52
CA PHE C 34 -15.57 6.87 -13.48
C PHE C 34 -16.05 8.16 -12.82
N GLU C 35 -15.84 8.31 -11.51
CA GLU C 35 -16.19 9.51 -10.77
C GLU C 35 -17.66 9.89 -11.05
N ARG C 36 -18.54 8.93 -10.80
CA ARG C 36 -19.97 9.08 -11.06
C ARG C 36 -20.71 9.52 -9.80
N GLY C 37 -21.83 10.21 -10.00
CA GLY C 37 -22.69 10.59 -8.90
C GLY C 37 -23.67 9.49 -8.51
N LEU C 38 -24.26 9.68 -7.32
CA LEU C 38 -25.15 8.68 -6.73
C LEU C 38 -26.25 8.26 -7.69
N GLU C 39 -26.74 9.18 -8.50
CA GLU C 39 -27.82 8.88 -9.44
C GLU C 39 -27.48 7.72 -10.37
N ASN C 40 -26.19 7.41 -10.57
CA ASN C 40 -25.84 6.32 -11.47
C ASN C 40 -26.18 4.96 -10.89
N LEU C 41 -26.39 4.86 -9.57
CA LEU C 41 -26.80 3.59 -8.97
C LEU C 41 -28.19 3.14 -9.42
N TYR C 42 -28.95 3.99 -10.09
CA TYR C 42 -30.20 3.58 -10.71
C TYR C 42 -30.01 2.94 -12.08
N PHE C 43 -28.78 2.96 -12.61
CA PHE C 43 -28.54 2.52 -13.98
C PHE C 43 -27.50 1.39 -14.09
N GLU D 3 -0.23 15.18 -0.62
CA GLU D 3 -1.03 16.40 -0.72
C GLU D 3 -2.26 16.22 -1.63
N LYS D 4 -2.17 15.38 -2.66
CA LYS D 4 -3.30 15.27 -3.58
C LYS D 4 -4.48 14.56 -2.94
N LYS D 5 -5.69 15.06 -3.24
CA LYS D 5 -6.91 14.47 -2.70
C LYS D 5 -7.09 13.05 -3.22
N ILE D 6 -7.64 12.18 -2.35
CA ILE D 6 -7.98 10.83 -2.75
C ILE D 6 -9.07 10.88 -3.81
N ASP D 7 -8.85 10.24 -4.94
CA ASP D 7 -9.90 10.16 -5.95
C ASP D 7 -10.45 8.74 -6.04
N GLY D 8 -11.36 8.55 -7.00
CA GLY D 8 -12.07 7.28 -7.10
C GLY D 8 -11.15 6.14 -7.49
N ARG D 9 -10.22 6.41 -8.39
CA ARG D 9 -9.22 5.41 -8.76
C ARG D 9 -8.45 4.93 -7.54
N ARG D 10 -8.06 5.85 -6.66
CA ARG D 10 -7.29 5.50 -5.47
C ARG D 10 -8.13 4.68 -4.49
N LYS D 11 -9.40 5.06 -4.30
CA LYS D 11 -10.24 4.29 -3.39
C LYS D 11 -10.47 2.87 -3.91
N ALA D 12 -10.71 2.74 -5.21
CA ALA D 12 -10.85 1.41 -5.81
C ALA D 12 -9.62 0.56 -5.56
N ALA D 13 -8.43 1.13 -5.73
CA ALA D 13 -7.20 0.37 -5.53
C ALA D 13 -7.04 -0.04 -4.07
N VAL D 14 -7.29 0.90 -3.14
CA VAL D 14 -7.18 0.57 -1.72
C VAL D 14 -8.14 -0.56 -1.37
N LEU D 15 -9.36 -0.52 -1.90
CA LEU D 15 -10.34 -1.57 -1.62
C LEU D 15 -9.88 -2.92 -2.18
N LEU D 16 -9.36 -2.94 -3.40
CA LEU D 16 -8.96 -4.22 -3.99
C LEU D 16 -7.74 -4.81 -3.29
N VAL D 17 -6.85 -3.96 -2.78
CA VAL D 17 -5.73 -4.45 -1.98
C VAL D 17 -6.24 -5.02 -0.64
N ALA D 18 -7.22 -4.36 -0.02
CA ALA D 18 -7.73 -4.83 1.26
C ALA D 18 -8.42 -6.18 1.13
N LEU D 19 -9.07 -6.46 0.01
CA LEU D 19 -9.84 -7.68 -0.16
C LEU D 19 -8.99 -8.92 -0.36
N GLY D 20 -7.69 -8.80 -0.66
CA GLY D 20 -6.87 -9.96 -0.92
C GLY D 20 -6.97 -10.36 -2.39
N PRO D 21 -5.93 -11.03 -2.88
CA PRO D 21 -5.82 -11.22 -4.34
C PRO D 21 -6.96 -12.03 -4.94
N GLU D 22 -7.43 -13.07 -4.25
CA GLU D 22 -8.44 -13.93 -4.83
C GLU D 22 -9.76 -13.19 -4.99
N LYS D 23 -10.21 -12.50 -3.93
CA LYS D 23 -11.46 -11.75 -4.01
C LYS D 23 -11.34 -10.61 -5.02
N ALA D 24 -10.26 -9.85 -4.95
CA ALA D 24 -9.99 -8.80 -5.93
C ALA D 24 -10.03 -9.34 -7.35
N ALA D 25 -9.49 -10.55 -7.58
CA ALA D 25 -9.53 -11.14 -8.92
C ALA D 25 -10.97 -11.37 -9.38
N GLN D 26 -11.85 -11.78 -8.47
CA GLN D 26 -13.25 -12.00 -8.86
C GLN D 26 -13.94 -10.68 -9.19
N VAL D 27 -13.57 -9.62 -8.49
CA VAL D 27 -14.12 -8.29 -8.79
C VAL D 27 -13.64 -7.82 -10.16
N MSE D 28 -12.35 -7.96 -10.44
CA MSE D 28 -11.78 -7.56 -11.76
C MSE D 28 -12.50 -8.15 -12.96
O MSE D 28 -12.61 -7.49 -14.00
CB MSE D 28 -10.32 -7.97 -11.88
CG MSE D 28 -9.40 -7.27 -10.97
SE MSE D 28 -9.24 -5.43 -11.43
CE MSE D 28 -7.49 -5.20 -10.60
N LYS D 29 -12.95 -9.40 -12.82
CA LYS D 29 -13.65 -10.07 -13.92
C LYS D 29 -14.90 -9.32 -14.38
N HIS D 30 -15.43 -8.43 -13.54
CA HIS D 30 -16.62 -7.63 -13.87
C HIS D 30 -16.28 -6.22 -14.34
N LEU D 31 -15.03 -5.93 -14.66
CA LEU D 31 -14.62 -4.61 -15.15
C LEU D 31 -14.11 -4.73 -16.58
N ASP D 32 -14.19 -3.64 -17.36
CA ASP D 32 -13.69 -3.73 -18.72
C ASP D 32 -12.16 -3.60 -18.76
N GLU D 33 -11.59 -3.87 -19.94
CA GLU D 33 -10.14 -3.99 -20.08
C GLU D 33 -9.42 -2.70 -19.73
N GLU D 34 -9.96 -1.56 -20.19
CA GLU D 34 -9.43 -0.25 -19.87
C GLU D 34 -9.39 -0.02 -18.37
N THR D 35 -10.48 -0.32 -17.68
CA THR D 35 -10.52 -0.12 -16.24
C THR D 35 -9.53 -1.03 -15.53
N VAL D 36 -9.42 -2.29 -15.97
CA VAL D 36 -8.48 -3.23 -15.34
C VAL D 36 -7.05 -2.70 -15.46
N GLU D 37 -6.65 -2.29 -16.66
CA GLU D 37 -5.28 -1.81 -16.86
C GLU D 37 -5.00 -0.57 -16.01
N GLN D 38 -5.96 0.35 -15.92
CA GLN D 38 -5.72 1.53 -15.13
C GLN D 38 -5.70 1.21 -13.64
N LEU D 39 -6.48 0.23 -13.20
CA LEU D 39 -6.42 -0.15 -11.80
C LEU D 39 -5.14 -0.88 -11.48
N VAL D 40 -4.57 -1.59 -12.47
CA VAL D 40 -3.27 -2.24 -12.27
C VAL D 40 -2.19 -1.18 -12.05
N VAL D 41 -2.19 -0.11 -12.84
CA VAL D 41 -1.16 0.89 -12.58
C VAL D 41 -1.38 1.56 -11.23
N GLU D 42 -2.65 1.75 -10.82
CA GLU D 42 -2.92 2.32 -9.50
C GLU D 42 -2.39 1.43 -8.39
N ILE D 43 -2.60 0.12 -8.49
CA ILE D 43 -2.12 -0.79 -7.46
C ILE D 43 -0.59 -0.89 -7.50
N ALA D 44 0.00 -0.93 -8.70
CA ALA D 44 1.45 -0.94 -8.82
C ALA D 44 2.06 0.25 -8.11
N ASN D 45 1.38 1.40 -8.15
CA ASN D 45 1.74 2.62 -7.43
C ASN D 45 1.01 2.76 -6.09
N ILE D 46 0.74 1.67 -5.37
CA ILE D 46 -0.07 1.76 -4.15
C ILE D 46 0.58 2.69 -3.12
N GLY D 47 1.91 2.73 -3.06
CA GLY D 47 2.56 3.56 -2.06
C GLY D 47 2.25 3.08 -0.66
N ARG D 48 2.00 4.04 0.22
CA ARG D 48 1.67 3.78 1.63
C ARG D 48 0.16 3.78 1.81
N VAL D 49 -0.36 2.80 2.54
CA VAL D 49 -1.73 2.92 3.00
C VAL D 49 -1.81 2.46 4.45
N THR D 50 -2.18 3.38 5.33
CA THR D 50 -2.37 3.10 6.74
C THR D 50 -3.72 2.41 6.95
N PRO D 51 -3.89 1.70 8.07
CA PRO D 51 -5.22 1.19 8.42
C PRO D 51 -6.29 2.27 8.46
N GLU D 52 -5.92 3.50 8.78
CA GLU D 52 -6.90 4.59 8.82
C GLU D 52 -7.43 4.90 7.43
N GLU D 53 -6.56 4.88 6.41
CA GLU D 53 -7.02 5.12 5.04
C GLU D 53 -7.87 3.95 4.54
N LYS D 54 -7.48 2.72 4.89
CA LYS D 54 -8.32 1.56 4.59
C LYS D 54 -9.72 1.75 5.17
N LYS D 55 -9.79 2.13 6.46
CA LYS D 55 -11.09 2.31 7.12
C LYS D 55 -11.94 3.35 6.40
N GLN D 56 -11.36 4.50 6.03
CA GLN D 56 -12.09 5.51 5.28
C GLN D 56 -12.68 4.92 4.01
N VAL D 57 -11.87 4.19 3.24
CA VAL D 57 -12.33 3.62 1.98
C VAL D 57 -13.44 2.60 2.21
N LEU D 58 -13.27 1.73 3.20
CA LEU D 58 -14.27 0.69 3.44
C LEU D 58 -15.60 1.31 3.90
N GLU D 59 -15.55 2.35 4.74
CA GLU D 59 -16.77 2.97 5.22
C GLU D 59 -17.48 3.76 4.11
N GLU D 60 -16.74 4.38 3.20
CA GLU D 60 -17.39 4.98 2.05
C GLU D 60 -18.00 3.91 1.15
N PHE D 61 -17.30 2.78 0.96
CA PHE D 61 -17.90 1.66 0.22
C PHE D 61 -19.23 1.24 0.84
N LEU D 62 -19.24 1.00 2.14
CA LEU D 62 -20.46 0.48 2.78
C LEU D 62 -21.61 1.48 2.70
N SER D 63 -21.32 2.79 2.65
CA SER D 63 -22.40 3.75 2.47
C SER D 63 -22.98 3.70 1.06
N LEU D 64 -22.13 3.48 0.05
CA LEU D 64 -22.64 3.41 -1.33
C LEU D 64 -23.36 2.10 -1.57
N ALA D 65 -22.87 1.02 -0.96
CA ALA D 65 -23.52 -0.27 -1.06
C ALA D 65 -24.87 -0.24 -0.38
N LYS D 66 -24.97 0.49 0.73
CA LYS D 66 -26.26 0.64 1.41
C LYS D 66 -27.21 1.48 0.57
N ALA D 67 -26.70 2.51 -0.11
CA ALA D 67 -27.53 3.30 -1.01
C ALA D 67 -28.14 2.41 -2.10
N LYS D 68 -27.31 1.57 -2.72
CA LYS D 68 -27.80 0.64 -3.74
C LYS D 68 -28.82 -0.33 -3.18
N GLU D 69 -28.59 -0.84 -1.97
CA GLU D 69 -29.58 -1.74 -1.35
C GLU D 69 -30.92 -1.03 -1.14
N MSE D 70 -30.89 0.26 -0.76
CA MSE D 70 -32.11 1.01 -0.51
C MSE D 70 -32.90 1.22 -1.80
O MSE D 70 -34.12 1.09 -1.82
CB MSE D 70 -31.79 2.36 0.17
CG MSE D 70 -31.32 2.21 1.62
SE MSE D 70 -30.66 3.88 2.37
CE MSE D 70 -31.75 5.07 1.31
N ILE D 71 -32.20 1.54 -2.87
CA ILE D 71 -32.82 1.60 -4.19
C ILE D 71 -33.50 0.28 -4.53
N SER D 72 -32.77 -0.84 -4.39
CA SER D 72 -33.33 -2.14 -4.73
C SER D 72 -34.51 -2.48 -3.84
N GLU D 73 -34.35 -2.34 -2.52
CA GLU D 73 -35.44 -2.68 -1.60
C GLU D 73 -36.66 -1.82 -1.87
N GLY D 74 -36.46 -0.53 -2.22
CA GLY D 74 -37.60 0.31 -2.55
C GLY D 74 -38.41 -0.20 -3.72
N GLY D 75 -37.74 -0.66 -4.78
CA GLY D 75 -38.47 -1.18 -5.93
C GLY D 75 -39.13 -2.50 -5.65
N ILE D 76 -38.53 -3.33 -4.79
CA ILE D 76 -39.13 -4.59 -4.40
C ILE D 76 -40.37 -4.34 -3.56
N GLU D 77 -40.30 -3.38 -2.64
CA GLU D 77 -41.47 -3.10 -1.81
C GLU D 77 -42.61 -2.54 -2.66
N TYR D 78 -42.30 -1.67 -3.61
CA TYR D 78 -43.31 -1.09 -4.49
C TYR D 78 -43.95 -2.18 -5.35
N ALA D 79 -43.14 -3.04 -5.95
CA ALA D 79 -43.66 -4.08 -6.83
C ALA D 79 -44.54 -5.08 -6.07
N LYS D 80 -44.15 -5.46 -4.86
CA LYS D 80 -44.97 -6.38 -4.07
C LYS D 80 -46.28 -5.73 -3.64
N LYS D 81 -46.26 -4.43 -3.35
CA LYS D 81 -47.49 -3.72 -3.01
C LYS D 81 -48.45 -3.70 -4.19
N VAL D 82 -47.93 -3.52 -5.40
CA VAL D 82 -48.79 -3.55 -6.57
C VAL D 82 -49.41 -4.93 -6.74
N LEU D 83 -48.59 -5.97 -6.63
CA LEU D 83 -49.08 -7.34 -6.76
C LEU D 83 -50.11 -7.67 -5.68
N GLU D 84 -49.87 -7.24 -4.43
CA GLU D 84 -50.85 -7.47 -3.39
C GLU D 84 -52.18 -6.80 -3.72
N LYS D 85 -52.14 -5.55 -4.19
CA LYS D 85 -53.36 -4.86 -4.62
C LYS D 85 -54.03 -5.58 -5.78
N ALA D 86 -53.24 -6.10 -6.72
CA ALA D 86 -53.83 -6.79 -7.87
C ALA D 86 -54.55 -8.05 -7.44
N PHE D 87 -53.97 -8.83 -6.51
CA PHE D 87 -54.57 -10.08 -6.09
C PHE D 87 -55.63 -9.88 -5.00
N GLY D 88 -55.49 -8.85 -4.17
CA GLY D 88 -56.34 -8.70 -3.00
C GLY D 88 -57.73 -8.18 -3.29
N PRO D 89 -58.45 -7.78 -2.23
CA PRO D 89 -59.86 -7.37 -2.40
C PRO D 89 -60.05 -5.99 -3.00
N GLU D 90 -58.98 -5.21 -3.20
CA GLU D 90 -59.11 -3.88 -3.77
C GLU D 90 -59.30 -3.89 -5.29
#